data_8DYG
#
_entry.id   8DYG
#
_cell.length_a   170.036
_cell.length_b   35.819
_cell.length_c   45.509
_cell.angle_alpha   90.000
_cell.angle_beta   98.230
_cell.angle_gamma   90.000
#
_symmetry.space_group_name_H-M   'C 1 2 1'
#
loop_
_entity.id
_entity.type
_entity.pdbx_description
1 polymer Interleukin-17A
2 non-polymer '(5P)-2-hydroxy-5-(6-methylquinolin-5-yl)benzoic acid'
3 water water
#
_entity_poly.entity_id   1
_entity_poly.type   'polypeptide(L)'
_entity_poly.pdbx_seq_one_letter_code
;GSAMAPNSEDKNFPRTVMVNLNIHNRNTNTNPKRSSDYYNRSTSPWNLHRNEDPERYPSVIWEAKCRHLGCINADGNVDY
HMNSVPIQQEILVLRREPPHSPNSFRLEKILVSVGCTCVTPIVHHVA
;
_entity_poly.pdbx_strand_id   A,B
#
loop_
_chem_comp.id
_chem_comp.type
_chem_comp.name
_chem_comp.formula
U5Q non-polymer '(5P)-2-hydroxy-5-(6-methylquinolin-5-yl)benzoic acid' 'C17 H13 N O3'
#
# COMPACT_ATOMS: atom_id res chain seq x y z
N THR A 16 7.06 -22.79 -16.94
CA THR A 16 8.08 -21.95 -17.55
C THR A 16 7.47 -21.07 -18.64
N VAL A 17 7.67 -19.75 -18.51
CA VAL A 17 7.13 -18.78 -19.45
C VAL A 17 8.22 -17.79 -19.84
N MET A 18 7.95 -17.03 -20.89
CA MET A 18 8.84 -15.98 -21.37
C MET A 18 8.33 -14.63 -20.89
N VAL A 19 9.27 -13.76 -20.49
CA VAL A 19 8.96 -12.43 -19.97
C VAL A 19 9.87 -11.41 -20.64
N ASN A 20 9.28 -10.50 -21.41
CA ASN A 20 10.02 -9.43 -22.05
C ASN A 20 10.33 -8.32 -21.05
N PRO A 32 13.66 3.86 -6.64
CA PRO A 32 12.44 4.24 -5.92
C PRO A 32 12.32 5.75 -5.75
N LYS A 33 11.09 6.24 -5.58
CA LYS A 33 10.82 7.66 -5.41
C LYS A 33 9.83 7.81 -4.25
N ARG A 34 9.81 9.00 -3.61
CA ARG A 34 8.72 9.35 -2.69
C ARG A 34 8.07 10.62 -3.25
N SER A 35 6.95 10.46 -3.95
CA SER A 35 6.29 11.58 -4.63
C SER A 35 5.01 12.04 -3.94
N SER A 36 4.64 11.44 -2.82
CA SER A 36 3.44 11.82 -2.10
C SER A 36 3.81 12.36 -0.73
N ASP A 37 3.11 13.39 -0.28
CA ASP A 37 3.35 13.94 1.04
C ASP A 37 2.46 13.34 2.11
N TYR A 38 1.71 12.28 1.81
CA TYR A 38 0.82 11.72 2.82
C TYR A 38 1.57 11.26 4.05
N TYR A 39 2.81 10.79 3.87
CA TYR A 39 3.62 10.27 4.98
C TYR A 39 3.78 11.27 6.12
N ASN A 40 3.74 12.57 5.82
CA ASN A 40 3.91 13.65 6.78
C ASN A 40 2.61 14.33 7.17
N ARG A 41 1.58 14.23 6.34
CA ARG A 41 0.31 14.83 6.64
C ARG A 41 -0.61 13.87 7.39
N SER A 42 -0.26 12.58 7.44
CA SER A 42 -1.06 11.55 8.10
C SER A 42 -1.03 11.65 9.63
N THR A 43 -2.17 11.28 10.25
CA THR A 43 -2.16 11.14 11.71
C THR A 43 -1.40 9.90 12.15
N SER A 44 -1.08 9.00 11.22
CA SER A 44 -0.22 7.84 11.45
C SER A 44 0.96 7.97 10.50
N PRO A 45 1.84 8.94 10.72
CA PRO A 45 2.91 9.21 9.76
C PRO A 45 3.93 8.10 9.72
N TRP A 46 4.73 8.08 8.65
CA TRP A 46 5.68 7.00 8.51
C TRP A 46 6.96 7.49 7.85
N ASN A 47 8.03 6.75 8.11
CA ASN A 47 9.34 6.92 7.48
C ASN A 47 9.55 5.80 6.47
N LEU A 48 10.62 5.90 5.69
CA LEU A 48 10.95 4.84 4.76
C LEU A 48 12.29 4.22 5.10
N HIS A 49 12.40 2.91 4.88
CA HIS A 49 13.63 2.19 5.14
C HIS A 49 14.04 1.44 3.89
N ARG A 50 15.35 1.41 3.63
CA ARG A 50 15.92 0.76 2.46
C ARG A 50 15.92 -0.76 2.64
N ASN A 51 15.28 -1.48 1.71
CA ASN A 51 15.30 -2.93 1.68
C ASN A 51 16.03 -3.26 0.37
N GLU A 52 17.26 -3.75 0.47
CA GLU A 52 18.07 -3.98 -0.71
C GLU A 52 18.48 -5.45 -0.80
N ASP A 53 18.30 -6.03 -1.98
CA ASP A 53 18.67 -7.42 -2.27
C ASP A 53 19.26 -7.46 -3.66
N PRO A 54 20.57 -7.74 -3.79
CA PRO A 54 21.21 -7.71 -5.11
C PRO A 54 20.77 -8.81 -6.05
N GLU A 55 20.12 -9.87 -5.54
CA GLU A 55 19.62 -10.96 -6.38
C GLU A 55 18.17 -10.75 -6.79
N ARG A 56 17.63 -9.56 -6.58
CA ARG A 56 16.21 -9.29 -6.75
C ARG A 56 15.99 -8.13 -7.71
N TYR A 57 14.87 -8.18 -8.42
CA TYR A 57 14.41 -7.05 -9.22
C TYR A 57 12.97 -6.76 -8.79
N PRO A 58 12.67 -5.55 -8.28
CA PRO A 58 13.64 -4.46 -8.09
C PRO A 58 14.63 -4.74 -6.97
N SER A 59 15.87 -4.28 -7.13
CA SER A 59 16.88 -4.56 -6.12
C SER A 59 16.66 -3.72 -4.86
N VAL A 60 16.19 -2.49 -5.01
CA VAL A 60 15.94 -1.58 -3.89
C VAL A 60 14.45 -1.36 -3.76
N ILE A 61 13.91 -1.63 -2.57
CA ILE A 61 12.52 -1.34 -2.25
C ILE A 61 12.53 -0.48 -1.00
N TRP A 62 11.72 0.57 -0.99
CA TRP A 62 11.57 1.42 0.18
C TRP A 62 10.30 1.00 0.90
N GLU A 63 10.44 0.62 2.16
CA GLU A 63 9.34 0.13 2.96
C GLU A 63 9.00 1.12 4.07
N ALA A 64 7.70 1.28 4.30
CA ALA A 64 7.23 2.19 5.34
C ALA A 64 7.38 1.57 6.71
N LYS A 65 7.72 2.41 7.68
CA LYS A 65 7.71 2.04 9.08
C LYS A 65 7.02 3.17 9.81
N CYS A 66 5.97 2.84 10.55
CA CYS A 66 5.25 3.90 11.26
C CYS A 66 6.18 4.60 12.22
N ARG A 67 6.03 5.93 12.31
CA ARG A 67 6.92 6.71 13.17
C ARG A 67 6.60 6.48 14.63
N HIS A 68 5.33 6.31 14.97
CA HIS A 68 4.87 6.25 16.35
C HIS A 68 4.08 4.98 16.58
N LEU A 69 4.02 4.58 17.87
CA LEU A 69 3.13 3.50 18.26
C LEU A 69 1.69 3.98 18.21
N GLY A 70 1.45 5.20 18.71
CA GLY A 70 0.14 5.83 18.69
C GLY A 70 -0.09 6.63 17.43
N CYS A 71 -1.06 7.53 17.51
CA CYS A 71 -1.37 8.41 16.38
C CYS A 71 -1.30 9.85 16.86
N ILE A 72 -1.14 10.77 15.90
CA ILE A 72 -0.98 12.19 16.22
C ILE A 72 -2.36 12.85 16.35
N ASN A 73 -2.56 13.57 17.45
CA ASN A 73 -3.83 14.23 17.69
C ASN A 73 -3.81 15.66 17.14
N ALA A 74 -4.93 16.36 17.27
CA ALA A 74 -5.05 17.72 16.71
C ALA A 74 -4.09 18.72 17.36
N ASP A 75 -3.59 18.43 18.56
CA ASP A 75 -2.58 19.30 19.16
C ASP A 75 -1.17 18.97 18.70
N GLY A 76 -1.01 17.93 17.88
CA GLY A 76 0.32 17.54 17.42
C GLY A 76 1.03 16.56 18.32
N ASN A 77 0.37 16.08 19.38
CA ASN A 77 0.98 15.15 20.32
C ASN A 77 0.53 13.72 20.03
N VAL A 78 1.28 12.77 20.58
CA VAL A 78 0.97 11.36 20.36
C VAL A 78 -0.14 10.91 21.30
N ASP A 79 -1.18 10.35 20.71
CA ASP A 79 -2.26 9.66 21.44
C ASP A 79 -1.86 8.19 21.48
N TYR A 80 -1.43 7.72 22.66
CA TYR A 80 -0.97 6.34 22.76
C TYR A 80 -2.11 5.35 22.79
N HIS A 81 -3.35 5.80 22.99
CA HIS A 81 -4.45 4.85 22.98
C HIS A 81 -4.69 4.30 21.58
N MET A 82 -4.66 5.17 20.56
CA MET A 82 -4.82 4.71 19.19
C MET A 82 -3.53 4.02 18.74
N ASN A 83 -3.58 3.37 17.57
CA ASN A 83 -2.42 2.65 17.04
C ASN A 83 -2.13 3.04 15.59
N SER A 84 -0.85 3.35 15.30
CA SER A 84 -0.40 3.38 13.92
C SER A 84 -0.05 1.97 13.48
N VAL A 85 -0.64 1.53 12.37
N VAL A 85 -0.61 1.55 12.34
CA VAL A 85 -0.33 0.20 11.88
CA VAL A 85 -0.50 0.20 11.82
C VAL A 85 0.03 0.26 10.41
C VAL A 85 -0.01 0.25 10.38
N PRO A 86 0.96 -0.58 9.96
CA PRO A 86 1.39 -0.55 8.57
C PRO A 86 0.38 -1.20 7.65
N ILE A 87 0.25 -0.64 6.46
CA ILE A 87 -0.60 -1.15 5.41
C ILE A 87 0.32 -1.95 4.50
N GLN A 88 0.04 -3.23 4.35
CA GLN A 88 0.87 -4.12 3.56
C GLN A 88 0.19 -4.46 2.23
N GLN A 89 1.04 -4.73 1.23
CA GLN A 89 0.65 -5.10 -0.12
C GLN A 89 1.52 -6.26 -0.58
N GLU A 90 0.87 -7.26 -1.18
CA GLU A 90 1.60 -8.36 -1.80
C GLU A 90 2.04 -7.94 -3.19
N ILE A 91 3.34 -8.04 -3.47
CA ILE A 91 3.89 -7.59 -4.74
C ILE A 91 4.70 -8.71 -5.39
N LEU A 92 4.83 -8.62 -6.71
CA LEU A 92 5.65 -9.53 -7.49
C LEU A 92 7.07 -9.00 -7.59
N VAL A 93 8.05 -9.86 -7.34
CA VAL A 93 9.45 -9.53 -7.58
C VAL A 93 10.07 -10.66 -8.38
N LEU A 94 11.20 -10.36 -9.00
CA LEU A 94 11.98 -11.32 -9.77
C LEU A 94 13.25 -11.67 -9.00
N ARG A 95 13.55 -12.96 -8.93
CA ARG A 95 14.70 -13.46 -8.17
C ARG A 95 15.58 -14.28 -9.10
N ARG A 96 16.88 -13.98 -9.08
CA ARG A 96 17.86 -14.71 -9.89
C ARG A 96 17.95 -16.15 -9.38
N GLU A 97 17.47 -17.10 -10.17
CA GLU A 97 17.50 -18.52 -9.79
C GLU A 97 17.26 -19.39 -11.02
N SER A 104 18.01 -16.79 -16.22
CA SER A 104 17.08 -17.61 -15.45
C SER A 104 16.61 -16.87 -14.20
N PHE A 105 15.30 -16.64 -14.12
CA PHE A 105 14.70 -15.94 -13.01
C PHE A 105 13.50 -16.71 -12.50
N ARG A 106 13.14 -16.46 -11.24
CA ARG A 106 11.95 -17.04 -10.64
C ARG A 106 11.10 -15.93 -10.03
N LEU A 107 9.79 -16.07 -10.16
CA LEU A 107 8.86 -15.04 -9.70
C LEU A 107 8.48 -15.32 -8.25
N GLU A 108 8.50 -14.27 -7.43
CA GLU A 108 8.23 -14.37 -6.01
C GLU A 108 7.15 -13.37 -5.65
N LYS A 109 6.35 -13.72 -4.64
CA LYS A 109 5.36 -12.81 -4.08
C LYS A 109 5.79 -12.48 -2.65
N ILE A 110 5.98 -11.19 -2.37
CA ILE A 110 6.42 -10.75 -1.05
C ILE A 110 5.47 -9.68 -0.54
N LEU A 111 5.49 -9.49 0.79
CA LEU A 111 4.69 -8.47 1.44
C LEU A 111 5.57 -7.28 1.79
N VAL A 112 5.14 -6.09 1.40
CA VAL A 112 5.87 -4.85 1.69
C VAL A 112 4.90 -3.88 2.34
N SER A 113 5.43 -3.06 3.25
CA SER A 113 4.65 -2.00 3.89
C SER A 113 4.73 -0.74 3.04
N VAL A 114 3.57 -0.15 2.76
CA VAL A 114 3.46 0.99 1.83
C VAL A 114 3.11 2.29 2.53
N GLY A 115 2.65 2.22 3.78
CA GLY A 115 2.33 3.40 4.55
C GLY A 115 1.68 2.93 5.83
N CYS A 116 1.11 3.85 6.58
CA CYS A 116 0.44 3.48 7.82
C CYS A 116 -0.94 4.12 7.88
N THR A 117 -1.81 3.48 8.67
CA THR A 117 -3.14 3.96 8.97
C THR A 117 -3.30 4.03 10.49
N CYS A 118 -4.31 4.76 10.95
CA CYS A 118 -4.53 4.87 12.39
C CYS A 118 -5.77 4.09 12.75
N VAL A 119 -5.67 3.18 13.73
CA VAL A 119 -6.80 2.34 14.11
C VAL A 119 -7.13 2.51 15.59
N THR A 120 -8.42 2.30 15.92
CA THR A 120 -8.81 2.13 17.31
C THR A 120 -8.45 0.71 17.74
N PRO A 121 -7.90 0.53 18.95
CA PRO A 121 -7.40 -0.78 19.36
C PRO A 121 -8.51 -1.80 19.56
N ILE A 122 -8.14 -3.08 19.42
CA ILE A 122 -9.05 -4.16 19.83
C ILE A 122 -9.09 -4.16 21.36
N VAL A 123 -10.24 -3.83 21.95
CA VAL A 123 -10.33 -3.62 23.39
C VAL A 123 -11.31 -4.56 24.06
N HIS A 124 -11.73 -5.60 23.36
CA HIS A 124 -12.56 -6.64 23.94
C HIS A 124 -11.96 -7.99 23.59
N HIS A 125 -12.43 -9.02 24.28
CA HIS A 125 -11.94 -10.36 24.03
C HIS A 125 -12.58 -10.96 22.78
N THR B 16 14.60 -10.36 -22.53
CA THR B 16 13.69 -11.50 -22.47
C THR B 16 14.31 -12.66 -21.69
N VAL B 17 13.62 -13.09 -20.64
CA VAL B 17 14.11 -14.15 -19.77
C VAL B 17 13.01 -15.19 -19.60
N MET B 18 13.38 -16.31 -18.95
CA MET B 18 12.47 -17.40 -18.69
C MET B 18 12.17 -17.45 -17.19
N VAL B 19 10.88 -17.44 -16.85
CA VAL B 19 10.44 -17.47 -15.46
C VAL B 19 9.50 -18.65 -15.26
N ASN B 20 9.66 -19.35 -14.15
CA ASN B 20 8.84 -20.52 -13.84
C ASN B 20 7.39 -20.13 -13.57
N ASP B 37 -9.34 -7.12 9.13
CA ASP B 37 -10.18 -6.37 10.04
C ASP B 37 -9.61 -5.02 10.45
N TYR B 38 -8.28 -4.89 10.50
CA TYR B 38 -7.72 -3.67 11.06
C TYR B 38 -8.25 -2.44 10.33
N TYR B 39 -8.51 -2.56 9.03
CA TYR B 39 -9.05 -1.45 8.25
C TYR B 39 -10.50 -1.12 8.60
N ASN B 40 -11.29 -2.08 9.09
CA ASN B 40 -12.59 -1.71 9.65
C ASN B 40 -12.44 -0.86 10.89
N ARG B 41 -11.27 -0.89 11.53
CA ARG B 41 -11.02 -0.15 12.75
C ARG B 41 -10.26 1.14 12.49
N SER B 42 -10.00 1.48 11.23
CA SER B 42 -9.23 2.65 10.90
C SER B 42 -10.08 3.90 10.99
N THR B 43 -9.43 5.03 11.32
CA THR B 43 -10.11 6.30 11.20
C THR B 43 -10.33 6.68 9.73
N SER B 44 -9.66 6.00 8.80
CA SER B 44 -9.87 6.19 7.37
C SER B 44 -10.17 4.82 6.79
N PRO B 45 -11.33 4.25 7.12
CA PRO B 45 -11.61 2.86 6.74
C PRO B 45 -11.78 2.72 5.25
N TRP B 46 -11.64 1.47 4.81
CA TRP B 46 -11.76 1.17 3.39
C TRP B 46 -12.42 -0.18 3.20
N ASN B 47 -12.83 -0.43 1.96
CA ASN B 47 -13.42 -1.69 1.56
C ASN B 47 -12.53 -2.24 0.45
N LEU B 48 -12.51 -3.56 0.30
CA LEU B 48 -11.67 -4.18 -0.71
C LEU B 48 -12.49 -4.44 -1.96
N HIS B 49 -11.88 -4.25 -3.13
CA HIS B 49 -12.59 -4.43 -4.39
C HIS B 49 -11.79 -5.29 -5.35
N ARG B 50 -12.49 -6.19 -6.05
CA ARG B 50 -11.87 -7.16 -6.93
C ARG B 50 -11.49 -6.50 -8.25
N ASN B 51 -10.21 -6.57 -8.60
CA ASN B 51 -9.69 -6.09 -9.87
C ASN B 51 -9.20 -7.35 -10.58
N GLU B 52 -9.99 -7.84 -11.54
CA GLU B 52 -9.73 -9.11 -12.20
C GLU B 52 -9.41 -8.88 -13.68
N ASP B 53 -8.33 -9.51 -14.14
CA ASP B 53 -7.88 -9.37 -15.53
C ASP B 53 -7.22 -10.67 -15.95
N PRO B 54 -7.91 -11.50 -16.75
CA PRO B 54 -7.30 -12.77 -17.18
C PRO B 54 -6.10 -12.60 -18.10
N GLU B 55 -5.92 -11.42 -18.70
CA GLU B 55 -4.75 -11.11 -19.51
C GLU B 55 -3.53 -10.78 -18.65
N ARG B 56 -3.66 -10.84 -17.33
CA ARG B 56 -2.69 -10.30 -16.40
C ARG B 56 -2.28 -11.38 -15.42
N TYR B 57 -1.04 -11.29 -14.94
CA TYR B 57 -0.58 -12.11 -13.81
C TYR B 57 0.02 -11.17 -12.77
N PRO B 58 -0.52 -11.10 -11.55
CA PRO B 58 -1.67 -11.89 -11.07
C PRO B 58 -2.99 -11.47 -11.71
N SER B 59 -3.90 -12.44 -11.91
CA SER B 59 -5.18 -12.14 -12.52
C SER B 59 -6.06 -11.32 -11.60
N VAL B 60 -6.04 -11.64 -10.30
CA VAL B 60 -6.86 -10.96 -9.31
C VAL B 60 -5.96 -10.09 -8.44
N ILE B 61 -6.29 -8.80 -8.35
CA ILE B 61 -5.66 -7.88 -7.41
C ILE B 61 -6.75 -7.26 -6.55
N TRP B 62 -6.56 -7.29 -5.24
CA TRP B 62 -7.51 -6.69 -4.32
C TRP B 62 -7.07 -5.27 -4.00
N GLU B 63 -7.90 -4.30 -4.38
CA GLU B 63 -7.60 -2.88 -4.24
C GLU B 63 -8.50 -2.27 -3.18
N ALA B 64 -8.00 -1.22 -2.54
CA ALA B 64 -8.74 -0.49 -1.54
C ALA B 64 -9.48 0.70 -2.14
N LYS B 65 -10.72 0.90 -1.68
CA LYS B 65 -11.48 2.10 -1.94
C LYS B 65 -11.82 2.69 -0.58
N CYS B 66 -11.41 3.93 -0.32
CA CYS B 66 -11.74 4.55 0.95
C CYS B 66 -13.24 4.65 1.10
N ARG B 67 -13.74 4.43 2.32
CA ARG B 67 -15.18 4.44 2.50
C ARG B 67 -15.74 5.86 2.47
N HIS B 68 -15.02 6.82 3.04
CA HIS B 68 -15.52 8.18 3.23
C HIS B 68 -14.52 9.18 2.68
N LEU B 69 -14.97 10.43 2.51
CA LEU B 69 -14.04 11.52 2.22
C LEU B 69 -13.45 12.09 3.51
N GLY B 70 -14.21 12.09 4.60
CA GLY B 70 -13.70 12.49 5.89
C GLY B 70 -13.05 11.33 6.62
N CYS B 71 -12.68 11.59 7.87
CA CYS B 71 -12.20 10.52 8.74
C CYS B 71 -13.18 10.33 9.89
N ILE B 72 -13.15 9.15 10.49
CA ILE B 72 -14.02 8.86 11.64
C ILE B 72 -13.46 9.53 12.89
N ASN B 73 -14.31 10.27 13.62
CA ASN B 73 -13.91 10.94 14.85
C ASN B 73 -14.25 10.05 16.06
N ALA B 74 -13.95 10.56 17.26
CA ALA B 74 -14.10 9.77 18.47
C ALA B 74 -15.56 9.44 18.79
N ASP B 75 -16.52 10.18 18.20
CA ASP B 75 -17.94 9.87 18.32
C ASP B 75 -18.40 8.85 17.29
N GLY B 76 -17.53 8.46 16.36
CA GLY B 76 -17.91 7.47 15.38
C GLY B 76 -18.52 8.04 14.13
N ASN B 77 -18.53 9.35 13.99
CA ASN B 77 -19.09 10.00 12.81
C ASN B 77 -17.99 10.42 11.85
N VAL B 78 -18.37 10.62 10.58
CA VAL B 78 -17.45 11.15 9.58
C VAL B 78 -17.24 12.64 9.86
N ASP B 79 -15.98 13.04 9.88
CA ASP B 79 -15.56 14.38 10.24
C ASP B 79 -14.72 14.91 9.08
N TYR B 80 -15.07 16.09 8.58
CA TYR B 80 -14.42 16.62 7.37
C TYR B 80 -13.33 17.63 7.69
N HIS B 81 -12.94 17.75 8.95
CA HIS B 81 -11.74 18.50 9.27
C HIS B 81 -10.49 17.78 8.83
N MET B 82 -10.59 16.46 8.59
CA MET B 82 -9.50 15.63 8.07
C MET B 82 -10.06 14.81 6.93
N ASN B 83 -9.18 14.28 6.07
CA ASN B 83 -9.66 13.49 4.95
C ASN B 83 -9.03 12.11 4.87
N SER B 84 -9.84 11.15 4.41
CA SER B 84 -9.34 9.82 4.08
C SER B 84 -8.77 9.87 2.68
N VAL B 85 -7.54 9.38 2.52
CA VAL B 85 -6.93 9.36 1.18
C VAL B 85 -6.36 7.97 0.91
N PRO B 86 -6.43 7.50 -0.33
CA PRO B 86 -5.89 6.19 -0.65
C PRO B 86 -4.41 6.25 -0.95
N ILE B 87 -3.63 5.38 -0.33
CA ILE B 87 -2.21 5.31 -0.62
C ILE B 87 -2.05 4.50 -1.89
N GLN B 88 -1.37 5.07 -2.88
CA GLN B 88 -1.21 4.45 -4.19
C GLN B 88 0.22 3.92 -4.31
N GLN B 89 0.35 2.75 -4.93
CA GLN B 89 1.64 2.09 -5.06
C GLN B 89 1.77 1.55 -6.47
N GLU B 90 2.95 1.73 -7.06
CA GLU B 90 3.24 1.23 -8.39
C GLU B 90 3.76 -0.19 -8.22
N ILE B 91 3.11 -1.15 -8.88
CA ILE B 91 3.44 -2.56 -8.70
C ILE B 91 3.78 -3.19 -10.04
N LEU B 92 4.59 -4.24 -10.00
CA LEU B 92 4.98 -4.98 -11.19
C LEU B 92 3.94 -6.04 -11.51
N VAL B 93 3.67 -6.21 -12.81
CA VAL B 93 2.65 -7.14 -13.24
C VAL B 93 3.06 -7.71 -14.59
N LEU B 94 2.55 -8.90 -14.91
CA LEU B 94 2.84 -9.56 -16.17
C LEU B 94 1.63 -9.42 -17.09
N ARG B 95 1.89 -9.02 -18.33
CA ARG B 95 0.83 -8.80 -19.32
C ARG B 95 1.11 -9.72 -20.51
N ARG B 96 0.13 -10.55 -20.86
CA ARG B 96 0.26 -11.49 -21.96
C ARG B 96 0.59 -10.75 -23.25
N GLU B 97 1.72 -11.10 -23.87
CA GLU B 97 2.21 -10.47 -25.08
C GLU B 97 2.84 -11.53 -25.98
N PRO B 98 2.24 -11.87 -27.13
CA PRO B 98 0.98 -11.33 -27.68
C PRO B 98 -0.22 -11.71 -26.82
N PRO B 99 -1.33 -10.96 -26.95
CA PRO B 99 -2.50 -11.24 -26.12
C PRO B 99 -2.99 -12.67 -26.28
N HIS B 100 -3.56 -13.19 -25.18
CA HIS B 100 -4.12 -14.53 -25.07
C HIS B 100 -3.06 -15.64 -25.00
N SER B 101 -1.78 -15.30 -24.99
CA SER B 101 -0.73 -16.31 -24.96
C SER B 101 -0.62 -16.91 -23.56
N PRO B 102 -0.52 -18.22 -23.43
CA PRO B 102 -0.36 -18.84 -22.10
C PRO B 102 1.07 -18.94 -21.60
N ASN B 103 2.08 -18.51 -22.37
CA ASN B 103 3.45 -18.65 -21.94
C ASN B 103 4.38 -17.49 -22.31
N SER B 104 3.85 -16.37 -22.80
CA SER B 104 4.68 -15.23 -23.15
C SER B 104 4.08 -13.95 -22.58
N PHE B 105 4.89 -13.17 -21.88
CA PHE B 105 4.43 -11.99 -21.15
C PHE B 105 5.40 -10.83 -21.35
N ARG B 106 4.90 -9.63 -21.03
CA ARG B 106 5.70 -8.41 -20.99
C ARG B 106 5.58 -7.81 -19.60
N LEU B 107 6.71 -7.35 -19.06
CA LEU B 107 6.72 -6.75 -17.74
C LEU B 107 6.08 -5.37 -17.79
N GLU B 108 5.14 -5.12 -16.87
CA GLU B 108 4.39 -3.88 -16.87
C GLU B 108 4.20 -3.39 -15.43
N LYS B 109 4.04 -2.08 -15.30
CA LYS B 109 3.80 -1.44 -14.01
C LYS B 109 2.44 -0.76 -14.01
N ILE B 110 1.70 -0.95 -12.91
CA ILE B 110 0.39 -0.36 -12.74
C ILE B 110 0.29 0.30 -11.36
N LEU B 111 -0.67 1.22 -11.24
CA LEU B 111 -0.91 1.98 -10.02
C LEU B 111 -2.10 1.37 -9.31
N VAL B 112 -1.91 1.01 -8.04
CA VAL B 112 -2.90 0.29 -7.25
C VAL B 112 -3.13 1.06 -5.95
N SER B 113 -4.38 1.09 -5.48
CA SER B 113 -4.69 1.66 -4.17
C SER B 113 -4.66 0.52 -3.15
N VAL B 114 -3.83 0.66 -2.12
CA VAL B 114 -3.56 -0.42 -1.18
C VAL B 114 -4.35 -0.27 0.11
N GLY B 115 -4.58 0.95 0.56
CA GLY B 115 -5.27 1.20 1.82
C GLY B 115 -5.43 2.69 1.95
N CYS B 116 -6.06 3.12 3.03
CA CYS B 116 -6.29 4.54 3.23
C CYS B 116 -5.68 5.01 4.54
N THR B 117 -5.30 6.27 4.54
CA THR B 117 -4.78 6.95 5.72
C THR B 117 -5.54 8.25 5.93
N CYS B 118 -5.42 8.83 7.11
CA CYS B 118 -6.16 10.06 7.42
C CYS B 118 -5.19 11.22 7.44
N VAL B 119 -5.41 12.21 6.58
CA VAL B 119 -4.47 13.32 6.43
C VAL B 119 -5.12 14.66 6.74
N THR B 120 -4.28 15.61 7.11
CA THR B 120 -4.73 16.99 7.10
C THR B 120 -5.04 17.42 5.66
N PRO B 121 -6.15 18.14 5.45
CA PRO B 121 -6.47 18.58 4.09
C PRO B 121 -5.47 19.57 3.52
N ILE B 122 -4.65 20.20 4.36
CA ILE B 122 -3.69 21.19 3.86
C ILE B 122 -2.35 20.54 3.51
N VAL B 123 -1.67 21.15 2.54
CA VAL B 123 -0.31 20.77 2.16
C VAL B 123 0.65 21.79 2.73
N HIS B 124 1.93 21.40 2.80
CA HIS B 124 2.92 22.26 3.46
C HIS B 124 3.93 22.89 2.50
N HIS B 125 3.96 22.46 1.25
CA HIS B 125 4.87 23.02 0.27
C HIS B 125 4.10 23.90 -0.70
N VAL B 126 4.80 24.88 -1.28
CA VAL B 126 4.18 25.86 -2.17
C VAL B 126 3.31 25.24 -3.25
C1 U5Q C . -5.06 15.46 13.96
C11 U5Q C . -1.77 16.98 13.03
C12 U5Q C . -1.10 18.01 13.68
C13 U5Q C . 0.26 18.23 13.51
C14 U5Q C . -1.04 16.17 12.19
C16 U5Q C . 0.30 16.37 12.01
C17 U5Q C . 0.94 17.40 12.66
C18 U5Q C . -1.78 18.86 14.53
C19 U5Q C . 0.23 20.02 14.93
C2 U5Q C . -3.70 15.63 13.78
C20 U5Q C . -1.68 15.03 11.46
C21 U5Q C . -1.12 19.89 15.17
C3 U5Q C . -3.19 16.78 13.22
C4 U5Q C . -4.08 17.76 12.84
C5 U5Q C . -5.44 17.62 13.01
C6 U5Q C . -5.93 16.47 13.58
C8 U5Q C . -6.31 18.74 12.58
N15 U5Q C . 0.92 19.22 14.12
O10 U5Q C . -5.74 19.64 11.91
O7 U5Q C . -7.28 16.31 13.75
O9 U5Q C . -7.52 18.70 12.91
C1 U5Q D . -11.24 8.26 16.50
C11 U5Q D . -13.45 5.29 16.13
C12 U5Q D . -14.77 5.10 16.55
C13 U5Q D . -15.61 4.15 15.96
C14 U5Q D . -13.01 4.49 15.08
C16 U5Q D . -13.82 3.54 14.49
C17 U5Q D . -15.11 3.38 14.94
C18 U5Q D . -15.28 5.87 17.58
C19 U5Q D . -17.32 4.73 17.37
C2 U5Q D . -12.08 7.31 15.97
C20 U5Q D . -11.62 4.60 14.53
C21 U5Q D . -16.57 5.69 18.01
C3 U5Q D . -12.56 6.28 16.74
C4 U5Q D . -12.17 6.23 18.07
C5 U5Q D . -11.34 7.18 18.62
C6 U5Q D . -10.87 8.19 17.82
C8 U5Q D . -10.95 7.15 20.06
N15 U5Q D . -16.88 3.96 16.37
O10 U5Q D . -10.15 8.02 20.46
O7 U5Q D . -10.04 9.16 18.33
O9 U5Q D . -11.51 6.29 20.79
#